data_1JIE
#
_entry.id   1JIE
#
_cell.length_a   35.520
_cell.length_b   83.420
_cell.length_c   43.240
_cell.angle_alpha   90.00
_cell.angle_beta   104.88
_cell.angle_gamma   90.00
#
_symmetry.space_group_name_H-M   'P 1 21 1'
#
loop_
_entity.id
_entity.type
_entity.pdbx_description
1 polymer 'bleomycin-binding protein'
2 non-polymer 'BLEOMYCIN A2'
3 water water
#
_entity_poly.entity_id   1
_entity_poly.type   'polypeptide(L)'
_entity_poly.pdbx_seq_one_letter_code
;MVKFLGAVPVLTAVDVPANVSFWVDTLGFEKDFGDRDFAGVRRGDIRLHISRTEHQIVADNTSAWIEVTDPDALHEEWAR
AVSTDYADTSGPAMTPVGESPAGREFAVRDPAGNCVHFTAGE
;
_entity_poly.pdbx_strand_id   A,B
#
loop_
_chem_comp.id
_chem_comp.type
_chem_comp.name
_chem_comp.formula
BLM non-polymer 'BLEOMYCIN A2' 'C55 H85 N17 O21 S3'
#
# COMPACT_ATOMS: atom_id res chain seq x y z
N MET A 1 -0.86 1.31 -25.24
CA MET A 1 0.17 1.17 -24.21
C MET A 1 -0.28 1.61 -22.83
N VAL A 2 -0.41 0.63 -21.92
CA VAL A 2 -0.89 1.02 -20.58
C VAL A 2 0.17 1.66 -19.70
N LYS A 3 -0.17 2.87 -19.30
CA LYS A 3 0.56 3.71 -18.39
C LYS A 3 0.11 3.45 -16.95
N PHE A 4 1.07 3.25 -16.06
CA PHE A 4 0.72 3.09 -14.64
C PHE A 4 0.85 4.44 -13.95
N LEU A 5 -0.20 5.12 -13.51
CA LEU A 5 -0.15 6.48 -13.00
C LEU A 5 0.16 6.77 -11.56
N GLY A 6 -0.26 5.90 -10.65
CA GLY A 6 -0.16 6.07 -9.23
C GLY A 6 -0.58 4.81 -8.47
N ALA A 7 -0.22 4.77 -7.21
CA ALA A 7 -0.50 3.61 -6.38
C ALA A 7 -1.17 4.13 -5.11
N VAL A 8 -2.14 3.38 -4.60
CA VAL A 8 -2.84 3.72 -3.36
C VAL A 8 -2.63 2.60 -2.33
N PRO A 9 -1.74 2.81 -1.35
CA PRO A 9 -1.63 1.76 -0.34
C PRO A 9 -2.93 1.63 0.46
N VAL A 10 -3.15 0.46 1.05
CA VAL A 10 -4.34 0.25 1.91
C VAL A 10 -3.87 -0.10 3.32
N LEU A 11 -4.11 0.83 4.24
CA LEU A 11 -3.91 0.59 5.65
C LEU A 11 -5.13 -0.20 6.17
N THR A 12 -4.94 -0.95 7.25
CA THR A 12 -6.10 -1.69 7.76
C THR A 12 -6.38 -1.28 9.21
N ALA A 13 -7.61 -1.46 9.64
CA ALA A 13 -7.95 -1.02 10.98
C ALA A 13 -9.22 -1.73 11.48
N VAL A 14 -9.18 -1.98 12.78
CA VAL A 14 -10.35 -2.57 13.41
C VAL A 14 -11.46 -1.56 13.58
N ASP A 15 -11.10 -0.31 13.82
CA ASP A 15 -11.87 0.86 14.00
C ASP A 15 -11.46 1.92 12.97
N VAL A 16 -12.04 1.89 11.78
CA VAL A 16 -11.72 2.79 10.69
C VAL A 16 -12.00 4.24 11.07
N PRO A 17 -13.15 4.63 11.60
CA PRO A 17 -13.34 6.04 11.93
C PRO A 17 -12.30 6.60 12.88
N ALA A 18 -11.89 5.78 13.83
CA ALA A 18 -10.87 6.33 14.72
C ALA A 18 -9.51 6.51 14.05
N ASN A 19 -9.15 5.56 13.18
CA ASN A 19 -7.85 5.71 12.51
C ASN A 19 -7.90 6.85 11.51
N VAL A 20 -9.05 7.01 10.83
CA VAL A 20 -9.20 8.17 9.95
C VAL A 20 -9.04 9.46 10.74
N SER A 21 -9.62 9.52 11.94
CA SER A 21 -9.50 10.81 12.64
C SER A 21 -8.06 11.19 12.97
N PHE A 22 -7.19 10.20 13.20
CA PHE A 22 -5.79 10.52 13.47
C PHE A 22 -5.11 11.07 12.21
N TRP A 23 -5.30 10.45 11.05
CA TRP A 23 -4.61 10.95 9.85
C TRP A 23 -5.04 12.33 9.48
N VAL A 24 -6.30 12.69 9.73
CA VAL A 24 -6.90 13.96 9.35
C VAL A 24 -6.63 15.01 10.43
N ASP A 25 -7.09 14.78 11.65
CA ASP A 25 -6.99 15.78 12.68
C ASP A 25 -5.59 15.95 13.22
N THR A 26 -4.81 14.86 13.33
CA THR A 26 -3.45 14.95 13.90
C THR A 26 -2.41 15.11 12.79
N LEU A 27 -2.40 14.31 11.73
CA LEU A 27 -1.34 14.46 10.73
C LEU A 27 -1.74 15.39 9.60
N GLY A 28 -2.97 15.92 9.59
CA GLY A 28 -3.35 16.87 8.59
C GLY A 28 -3.77 16.33 7.25
N PHE A 29 -4.13 15.06 7.14
CA PHE A 29 -4.61 14.65 5.83
C PHE A 29 -6.05 15.16 5.66
N GLU A 30 -6.59 15.02 4.45
CA GLU A 30 -7.97 15.42 4.20
C GLU A 30 -8.80 14.16 3.99
N LYS A 31 -10.03 14.13 4.44
CA LYS A 31 -10.85 12.94 4.19
C LYS A 31 -11.48 13.07 2.80
N ASP A 32 -11.32 12.08 1.96
CA ASP A 32 -11.87 11.97 0.62
C ASP A 32 -13.32 11.49 0.64
N PHE A 33 -13.55 10.32 1.23
CA PHE A 33 -14.80 9.61 1.30
C PHE A 33 -14.66 8.62 2.45
N GLY A 34 -15.76 8.04 2.95
CA GLY A 34 -15.59 7.00 3.93
C GLY A 34 -16.74 6.74 4.86
N ASP A 35 -16.77 5.50 5.35
CA ASP A 35 -17.78 5.14 6.34
C ASP A 35 -17.10 4.21 7.33
N ARG A 36 -17.82 3.24 7.85
CA ARG A 36 -17.19 2.41 8.87
C ARG A 36 -16.42 1.25 8.29
N ASP A 37 -16.67 0.96 7.02
CA ASP A 37 -15.99 -0.19 6.46
C ASP A 37 -14.77 0.18 5.61
N PHE A 38 -14.72 1.37 5.06
CA PHE A 38 -13.69 1.78 4.11
C PHE A 38 -13.69 3.29 3.97
N ALA A 39 -12.53 3.91 4.00
CA ALA A 39 -12.35 5.36 3.92
C ALA A 39 -11.11 5.67 3.08
N GLY A 40 -11.03 6.88 2.60
CA GLY A 40 -9.94 7.37 1.74
C GLY A 40 -9.44 8.70 2.27
N VAL A 41 -8.13 8.88 2.42
CA VAL A 41 -7.61 10.15 2.88
C VAL A 41 -6.57 10.56 1.83
N ARG A 42 -6.20 11.84 1.89
CA ARG A 42 -5.23 12.27 0.89
C ARG A 42 -4.46 13.46 1.38
N ARG A 43 -3.24 13.59 0.86
CA ARG A 43 -2.50 14.79 1.21
C ARG A 43 -1.59 15.13 0.03
N GLY A 44 -1.65 16.33 -0.56
CA GLY A 44 -0.68 16.49 -1.65
C GLY A 44 -1.02 15.56 -2.81
N ASP A 45 -0.01 14.97 -3.46
CA ASP A 45 -0.29 14.12 -4.61
C ASP A 45 -0.57 12.67 -4.20
N ILE A 46 -0.70 12.35 -2.91
CA ILE A 46 -0.90 10.92 -2.66
C ILE A 46 -2.23 10.70 -1.98
N ARG A 47 -2.69 9.45 -2.13
CA ARG A 47 -3.89 8.99 -1.43
C ARG A 47 -3.56 7.74 -0.60
N LEU A 48 -4.28 7.51 0.48
CA LEU A 48 -4.21 6.29 1.25
C LEU A 48 -5.64 5.77 1.47
N HIS A 49 -5.87 4.49 1.31
CA HIS A 49 -7.19 3.98 1.72
C HIS A 49 -7.04 3.36 3.11
N ILE A 50 -8.12 3.25 3.85
CA ILE A 50 -8.17 2.57 5.14
C ILE A 50 -9.35 1.61 5.07
N SER A 51 -9.03 0.34 5.16
CA SER A 51 -10.06 -0.68 5.08
C SER A 51 -10.28 -1.42 6.41
N ARG A 52 -11.52 -1.73 6.77
CA ARG A 52 -11.81 -2.43 8.01
C ARG A 52 -11.32 -3.87 7.96
N THR A 53 -10.71 -4.28 9.06
CA THR A 53 -10.26 -5.65 9.25
C THR A 53 -10.82 -6.16 10.59
N GLU A 54 -11.10 -7.48 10.64
CA GLU A 54 -11.67 -7.99 11.86
C GLU A 54 -10.53 -8.51 12.74
N HIS A 55 -9.37 -8.71 12.13
CA HIS A 55 -8.24 -9.25 12.87
C HIS A 55 -7.17 -8.20 13.14
N GLN A 56 -6.93 -7.90 14.39
CA GLN A 56 -5.93 -6.90 14.75
C GLN A 56 -4.54 -7.23 14.25
N ILE A 57 -4.21 -8.52 14.13
CA ILE A 57 -2.85 -8.88 13.75
C ILE A 57 -2.59 -8.46 12.31
N VAL A 58 -3.65 -8.30 11.52
CA VAL A 58 -3.47 -7.85 10.13
C VAL A 58 -2.96 -6.42 10.17
N ALA A 59 -3.53 -5.54 11.02
CA ALA A 59 -3.11 -4.14 11.04
C ALA A 59 -1.75 -3.98 11.67
N ASP A 60 -1.38 -4.81 12.66
CA ASP A 60 -0.09 -4.71 13.30
C ASP A 60 1.00 -5.23 12.39
N ASN A 61 0.66 -5.64 11.16
CA ASN A 61 1.63 -6.11 10.20
C ASN A 61 1.44 -5.37 8.88
N THR A 62 0.57 -4.36 8.87
CA THR A 62 0.35 -3.61 7.64
C THR A 62 1.34 -2.46 7.55
N SER A 63 1.88 -2.16 6.38
CA SER A 63 2.83 -1.02 6.31
C SER A 63 2.76 -0.36 4.97
N ALA A 64 3.37 0.83 4.83
CA ALA A 64 3.42 1.47 3.53
C ALA A 64 4.59 2.44 3.53
N TRP A 65 5.00 2.91 2.38
CA TRP A 65 6.11 3.84 2.21
C TRP A 65 5.54 5.04 1.46
N ILE A 66 5.89 6.21 1.97
CA ILE A 66 5.42 7.40 1.29
C ILE A 66 6.66 8.24 0.97
N GLU A 67 6.81 8.74 -0.21
CA GLU A 67 7.97 9.61 -0.49
C GLU A 67 7.63 11.06 -0.33
N VAL A 68 8.53 11.77 0.39
CA VAL A 68 8.36 13.20 0.63
C VAL A 68 9.63 13.97 0.30
N THR A 69 9.57 15.28 0.12
CA THR A 69 10.76 16.06 -0.29
C THR A 69 11.71 16.24 0.87
N ASP A 70 11.17 16.26 2.09
CA ASP A 70 11.95 16.62 3.27
C ASP A 70 11.48 15.98 4.56
N PRO A 71 12.00 14.80 4.78
CA PRO A 71 11.55 14.02 5.94
C PRO A 71 11.86 14.74 7.24
N ASP A 72 13.01 15.46 7.25
CA ASP A 72 13.30 16.13 8.54
C ASP A 72 12.32 17.23 8.89
N ALA A 73 11.92 18.03 7.89
CA ALA A 73 10.94 19.06 8.15
C ALA A 73 9.59 18.46 8.53
N LEU A 74 9.29 17.35 7.86
CA LEU A 74 7.95 16.75 8.20
C LEU A 74 7.99 16.19 9.61
N HIS A 75 9.10 15.51 9.96
CA HIS A 75 9.27 14.98 11.31
C HIS A 75 9.12 16.07 12.36
N GLU A 76 9.69 17.24 12.14
CA GLU A 76 9.58 18.27 13.20
C GLU A 76 8.17 18.80 13.30
N GLU A 77 7.45 18.92 12.20
CA GLU A 77 6.05 19.38 12.22
C GLU A 77 5.24 18.42 13.07
N TRP A 78 5.42 17.12 12.76
CA TRP A 78 4.58 16.16 13.45
C TRP A 78 5.11 15.91 14.84
N ALA A 79 6.36 16.23 15.15
CA ALA A 79 6.85 15.95 16.49
C ALA A 79 6.08 16.79 17.49
N ARG A 80 5.37 17.85 17.13
CA ARG A 80 4.70 18.51 18.27
C ARG A 80 3.40 17.83 18.65
N ALA A 81 2.96 16.88 17.85
CA ALA A 81 1.64 16.30 18.09
C ALA A 81 1.68 14.80 18.25
N VAL A 82 2.81 14.20 17.96
CA VAL A 82 2.89 12.75 18.02
C VAL A 82 4.05 12.40 18.96
N SER A 83 3.83 11.41 19.77
CA SER A 83 4.84 10.91 20.71
C SER A 83 6.07 10.48 19.92
N THR A 84 7.24 10.79 20.45
CA THR A 84 8.50 10.46 19.79
C THR A 84 9.10 9.25 20.51
N ASP A 85 8.29 8.68 21.42
CA ASP A 85 8.85 7.49 22.03
C ASP A 85 8.13 6.29 21.44
N TYR A 86 8.77 5.75 20.41
CA TYR A 86 8.15 4.69 19.61
C TYR A 86 7.95 3.40 20.41
N ALA A 87 8.79 3.14 21.41
CA ALA A 87 8.72 1.92 22.21
C ALA A 87 7.48 1.91 23.08
N ASP A 88 6.82 3.05 23.27
CA ASP A 88 5.58 3.10 24.03
C ASP A 88 4.41 2.79 23.09
N THR A 89 3.90 1.59 23.27
CA THR A 89 2.78 1.11 22.47
C THR A 89 1.47 1.48 23.13
N SER A 90 1.53 2.51 23.98
CA SER A 90 0.24 2.94 24.56
C SER A 90 -0.56 3.75 23.54
N GLY A 91 0.09 4.16 22.44
CA GLY A 91 -0.55 5.00 21.46
C GLY A 91 0.24 5.17 20.19
N PRO A 92 -0.19 6.04 19.29
CA PRO A 92 0.57 6.23 18.04
C PRO A 92 1.90 6.88 18.40
N ALA A 93 2.92 6.74 17.57
CA ALA A 93 4.22 7.33 17.90
C ALA A 93 5.09 7.34 16.65
N MET A 94 6.17 8.08 16.80
CA MET A 94 7.07 8.27 15.65
C MET A 94 8.51 7.98 15.97
N THR A 95 9.26 7.42 15.01
CA THR A 95 10.67 7.16 15.23
C THR A 95 11.50 8.40 15.00
N PRO A 96 12.74 8.50 15.43
CA PRO A 96 13.57 9.60 14.94
C PRO A 96 13.92 9.35 13.47
N VAL A 97 14.42 10.44 12.88
CA VAL A 97 14.87 10.30 11.51
C VAL A 97 16.10 9.43 11.50
N GLY A 98 16.20 8.55 10.52
CA GLY A 98 17.37 7.70 10.40
C GLY A 98 17.64 7.48 8.93
N GLU A 99 18.52 6.52 8.70
CA GLU A 99 18.93 6.27 7.32
C GLU A 99 18.57 4.87 6.90
N SER A 100 18.23 4.78 5.61
CA SER A 100 17.87 3.48 5.07
C SER A 100 18.47 3.32 3.69
N PRO A 101 18.37 2.16 3.06
CA PRO A 101 18.81 2.04 1.66
C PRO A 101 18.32 3.14 0.74
N ALA A 102 17.19 3.79 1.04
CA ALA A 102 16.74 4.89 0.22
C ALA A 102 17.13 6.24 0.81
N GLY A 103 17.79 6.26 1.97
CA GLY A 103 18.07 7.64 2.43
C GLY A 103 17.29 8.01 3.67
N ARG A 104 17.19 9.29 3.98
CA ARG A 104 16.66 9.67 5.28
C ARG A 104 15.16 9.36 5.35
N GLU A 105 14.81 8.77 6.47
CA GLU A 105 13.39 8.48 6.64
C GLU A 105 13.04 8.37 8.10
N PHE A 106 11.72 8.40 8.31
CA PHE A 106 11.25 8.09 9.66
C PHE A 106 9.92 7.34 9.49
N ALA A 107 9.45 6.76 10.59
CA ALA A 107 8.20 6.06 10.55
C ALA A 107 7.25 6.55 11.63
N VAL A 108 5.95 6.36 11.36
CA VAL A 108 4.78 6.59 12.16
C VAL A 108 3.99 5.26 12.30
N ARG A 109 3.67 5.03 13.56
CA ARG A 109 2.77 3.96 13.91
C ARG A 109 1.46 4.66 14.30
N ASP A 110 0.41 4.36 13.58
CA ASP A 110 -0.91 4.99 13.77
C ASP A 110 -1.67 4.27 14.90
N PRO A 111 -2.78 4.77 15.41
CA PRO A 111 -3.49 4.10 16.50
C PRO A 111 -4.00 2.72 16.08
N ALA A 112 -4.24 2.44 14.82
CA ALA A 112 -4.67 1.11 14.40
C ALA A 112 -3.49 0.15 14.40
N GLY A 113 -2.26 0.63 14.33
CA GLY A 113 -1.10 -0.29 14.36
C GLY A 113 -0.35 -0.31 13.05
N ASN A 114 -0.78 0.46 12.04
CA ASN A 114 -0.06 0.45 10.76
C ASN A 114 1.27 1.18 10.91
N CYS A 115 2.31 0.78 10.19
CA CYS A 115 3.60 1.45 10.20
C CYS A 115 3.85 2.03 8.84
N VAL A 116 3.91 3.35 8.76
CA VAL A 116 4.08 4.03 7.49
C VAL A 116 5.39 4.81 7.50
N HIS A 117 6.23 4.56 6.52
CA HIS A 117 7.54 5.19 6.43
C HIS A 117 7.48 6.41 5.52
N PHE A 118 8.09 7.48 5.98
CA PHE A 118 8.20 8.77 5.26
C PHE A 118 9.64 8.92 4.85
N THR A 119 9.91 8.78 3.55
CA THR A 119 11.28 8.62 3.09
C THR A 119 11.56 9.72 2.08
N ALA A 120 12.81 10.12 2.02
CA ALA A 120 13.20 11.16 1.06
C ALA A 120 12.94 10.67 -0.35
N GLY A 121 12.39 11.54 -1.19
CA GLY A 121 12.15 11.15 -2.57
C GLY A 121 12.52 12.33 -3.46
N GLU A 122 12.55 12.07 -4.75
CA GLU A 122 12.76 13.14 -5.73
C GLU A 122 11.82 12.87 -6.91
N MET B 1 6.84 23.71 -0.04
CA MET B 1 6.66 23.16 1.30
C MET B 1 7.02 21.69 1.36
N VAL B 2 6.55 20.98 2.42
CA VAL B 2 6.81 19.55 2.29
C VAL B 2 5.82 19.06 1.22
N LYS B 3 6.34 18.42 0.21
CA LYS B 3 5.60 17.84 -0.90
C LYS B 3 5.39 16.35 -0.80
N PHE B 4 4.23 15.78 -1.04
CA PHE B 4 4.13 14.30 -1.00
C PHE B 4 4.23 13.79 -2.42
N LEU B 5 5.24 13.04 -2.80
CA LEU B 5 5.46 12.68 -4.18
C LEU B 5 4.86 11.39 -4.69
N GLY B 6 4.73 10.39 -3.85
CA GLY B 6 4.27 9.09 -4.34
C GLY B 6 4.15 8.13 -3.17
N ALA B 7 3.41 7.05 -3.38
CA ALA B 7 3.13 6.15 -2.26
C ALA B 7 3.44 4.76 -2.81
N VAL B 8 3.97 3.93 -1.94
CA VAL B 8 4.38 2.59 -2.34
C VAL B 8 3.62 1.61 -1.45
N PRO B 9 2.68 0.87 -2.02
CA PRO B 9 1.99 -0.16 -1.23
C PRO B 9 2.95 -1.28 -0.86
N VAL B 10 2.63 -1.94 0.25
CA VAL B 10 3.44 -3.08 0.68
C VAL B 10 2.57 -4.35 0.61
N LEU B 11 2.86 -5.22 -0.34
CA LEU B 11 2.22 -6.54 -0.39
C LEU B 11 2.91 -7.45 0.62
N THR B 12 2.24 -8.48 1.14
CA THR B 12 2.94 -9.36 2.07
C THR B 12 2.90 -10.77 1.51
N ALA B 13 3.90 -11.54 1.90
CA ALA B 13 3.97 -12.90 1.37
C ALA B 13 4.74 -13.81 2.31
N VAL B 14 4.29 -15.06 2.45
CA VAL B 14 5.08 -15.94 3.31
C VAL B 14 6.29 -16.33 2.47
N ASP B 15 6.08 -16.42 1.14
CA ASP B 15 7.18 -16.81 0.27
C ASP B 15 7.54 -15.64 -0.64
N VAL B 16 8.43 -14.73 -0.27
CA VAL B 16 8.71 -13.54 -1.07
C VAL B 16 9.21 -13.89 -2.47
N PRO B 17 10.24 -14.71 -2.58
CA PRO B 17 10.76 -15.03 -3.93
C PRO B 17 9.71 -15.50 -4.92
N ALA B 18 8.76 -16.32 -4.43
CA ALA B 18 7.74 -16.82 -5.32
C ALA B 18 6.78 -15.72 -5.77
N ASN B 19 6.40 -14.86 -4.82
CA ASN B 19 5.48 -13.79 -5.19
C ASN B 19 6.23 -12.78 -6.06
N VAL B 20 7.51 -12.50 -5.77
CA VAL B 20 8.21 -11.60 -6.69
C VAL B 20 8.23 -12.19 -8.10
N SER B 21 8.45 -13.48 -8.24
CA SER B 21 8.49 -14.06 -9.59
C SER B 21 7.18 -13.86 -10.31
N PHE B 22 6.02 -14.01 -9.65
CA PHE B 22 4.73 -13.72 -10.29
C PHE B 22 4.66 -12.31 -10.88
N TRP B 23 4.92 -11.30 -10.06
CA TRP B 23 4.87 -9.90 -10.50
C TRP B 23 5.85 -9.63 -11.63
N VAL B 24 7.10 -10.08 -11.53
CA VAL B 24 8.12 -9.87 -12.54
C VAL B 24 7.92 -10.78 -13.74
N ASP B 25 7.96 -12.11 -13.58
CA ASP B 25 7.95 -12.94 -14.78
C ASP B 25 6.57 -13.19 -15.37
N THR B 26 5.50 -13.09 -14.57
CA THR B 26 4.20 -13.30 -15.20
C THR B 26 3.54 -12.00 -15.55
N LEU B 27 3.57 -11.02 -14.64
CA LEU B 27 2.86 -9.78 -14.93
C LEU B 27 3.76 -8.71 -15.53
N GLY B 28 5.04 -8.99 -15.84
CA GLY B 28 5.83 -7.98 -16.48
C GLY B 28 6.35 -6.85 -15.62
N PHE B 29 6.45 -6.97 -14.28
CA PHE B 29 7.08 -5.86 -13.57
C PHE B 29 8.59 -5.99 -13.60
N GLU B 30 9.35 -4.95 -13.28
CA GLU B 30 10.79 -5.10 -13.13
C GLU B 30 11.21 -5.28 -11.66
N LYS B 31 12.22 -6.10 -11.40
CA LYS B 31 12.63 -6.19 -10.01
C LYS B 31 13.65 -5.13 -9.67
N ASP B 32 13.47 -4.35 -8.61
CA ASP B 32 14.49 -3.36 -8.23
C ASP B 32 15.47 -3.98 -7.25
N PHE B 33 15.00 -4.67 -6.22
CA PHE B 33 15.95 -5.27 -5.27
C PHE B 33 15.20 -6.39 -4.59
N GLY B 34 15.84 -7.24 -3.79
CA GLY B 34 15.05 -8.15 -3.02
C GLY B 34 15.79 -9.32 -2.46
N ASP B 35 15.38 -9.71 -1.25
CA ASP B 35 15.99 -10.96 -0.75
C ASP B 35 14.83 -11.82 -0.28
N ARG B 36 15.04 -12.60 0.77
CA ARG B 36 13.93 -13.46 1.12
C ARG B 36 12.96 -12.72 2.03
N ASP B 37 13.42 -11.60 2.56
CA ASP B 37 12.63 -10.87 3.55
C ASP B 37 11.89 -9.66 3.01
N PHE B 38 12.40 -9.06 1.95
CA PHE B 38 11.85 -7.80 1.47
C PHE B 38 12.25 -7.64 0.02
N ALA B 39 11.37 -7.10 -0.77
CA ALA B 39 11.71 -6.91 -2.18
C ALA B 39 10.94 -5.72 -2.74
N GLY B 40 11.40 -5.17 -3.85
CA GLY B 40 10.60 -4.09 -4.48
C GLY B 40 10.55 -4.35 -5.97
N VAL B 41 9.40 -4.11 -6.58
CA VAL B 41 9.27 -4.32 -8.02
C VAL B 41 8.80 -3.01 -8.61
N ARG B 42 8.86 -2.87 -9.94
CA ARG B 42 8.36 -1.56 -10.42
C ARG B 42 7.78 -1.67 -11.80
N ARG B 43 6.90 -0.75 -12.21
CA ARG B 43 6.48 -0.70 -13.63
C ARG B 43 6.06 0.73 -13.90
N GLY B 44 6.71 1.37 -14.87
CA GLY B 44 6.28 2.75 -15.14
C GLY B 44 6.58 3.64 -13.95
N ASP B 45 5.66 4.53 -13.62
CA ASP B 45 5.87 5.46 -12.52
C ASP B 45 5.54 4.89 -11.15
N ILE B 46 5.08 3.62 -11.06
CA ILE B 46 4.78 3.15 -9.70
C ILE B 46 5.69 2.03 -9.22
N ARG B 47 5.75 1.77 -7.91
CA ARG B 47 6.50 0.66 -7.35
C ARG B 47 5.60 -0.03 -6.32
N LEU B 48 5.98 -1.26 -6.03
CA LEU B 48 5.39 -2.00 -4.95
C LEU B 48 6.54 -2.64 -4.13
N HIS B 49 6.38 -2.62 -2.81
CA HIS B 49 7.27 -3.41 -1.95
C HIS B 49 6.54 -4.73 -1.61
N ILE B 50 7.35 -5.74 -1.35
CA ILE B 50 6.83 -7.08 -0.97
C ILE B 50 7.61 -7.46 0.28
N SER B 51 6.93 -7.61 1.39
CA SER B 51 7.56 -7.88 2.68
C SER B 51 7.21 -9.28 3.19
N ARG B 52 8.16 -10.02 3.74
CA ARG B 52 7.86 -11.38 4.21
C ARG B 52 6.95 -11.34 5.42
N THR B 53 6.00 -12.23 5.58
CA THR B 53 5.26 -12.22 6.83
C THR B 53 5.22 -13.67 7.31
N GLU B 54 5.03 -13.96 8.58
CA GLU B 54 4.93 -15.34 9.05
C GLU B 54 3.48 -15.75 9.15
N HIS B 55 2.50 -14.89 8.91
CA HIS B 55 1.12 -15.37 9.08
C HIS B 55 0.36 -15.28 7.78
N GLN B 56 -0.10 -16.43 7.25
CA GLN B 56 -0.81 -16.31 5.96
C GLN B 56 -1.97 -15.36 5.99
N ILE B 57 -2.57 -15.16 7.17
CA ILE B 57 -3.79 -14.38 7.25
C ILE B 57 -3.56 -12.91 6.97
N VAL B 58 -2.33 -12.47 7.25
CA VAL B 58 -1.96 -11.09 6.89
C VAL B 58 -2.00 -10.98 5.37
N ALA B 59 -1.31 -11.88 4.64
CA ALA B 59 -1.34 -11.78 3.18
C ALA B 59 -2.74 -11.87 2.62
N ASP B 60 -3.59 -12.73 3.21
CA ASP B 60 -4.92 -12.88 2.66
C ASP B 60 -5.81 -11.69 2.99
N ASN B 61 -5.31 -10.66 3.67
CA ASN B 61 -6.13 -9.50 3.95
C ASN B 61 -5.44 -8.20 3.51
N THR B 62 -4.32 -8.35 2.77
CA THR B 62 -3.53 -7.23 2.26
C THR B 62 -4.02 -6.84 0.87
N SER B 63 -4.15 -5.56 0.57
CA SER B 63 -4.67 -5.18 -0.75
C SER B 63 -4.05 -3.82 -1.16
N ALA B 64 -4.27 -3.43 -2.39
CA ALA B 64 -3.74 -2.19 -2.95
C ALA B 64 -4.52 -1.82 -4.19
N TRP B 65 -4.51 -0.54 -4.50
CA TRP B 65 -5.13 0.01 -5.70
C TRP B 65 -4.00 0.56 -6.57
N ILE B 66 -4.02 0.26 -7.86
CA ILE B 66 -3.07 0.90 -8.78
C ILE B 66 -3.87 1.67 -9.83
N GLU B 67 -3.57 2.92 -10.13
CA GLU B 67 -4.29 3.59 -11.22
C GLU B 67 -3.53 3.48 -12.53
N VAL B 68 -4.32 3.03 -13.52
CA VAL B 68 -3.86 2.84 -14.86
C VAL B 68 -4.76 3.58 -15.85
N THR B 69 -4.27 3.82 -17.05
CA THR B 69 -4.93 4.55 -18.12
C THR B 69 -6.09 3.77 -18.75
N ASP B 70 -6.00 2.46 -18.89
CA ASP B 70 -6.96 1.56 -19.51
C ASP B 70 -6.94 0.16 -18.91
N PRO B 71 -7.85 -0.07 -17.97
CA PRO B 71 -7.87 -1.38 -17.32
C PRO B 71 -8.26 -2.45 -18.32
N ASP B 72 -9.16 -2.12 -19.25
CA ASP B 72 -9.62 -3.12 -20.19
C ASP B 72 -8.50 -3.64 -21.06
N ALA B 73 -7.60 -2.75 -21.49
CA ALA B 73 -6.47 -3.24 -22.28
C ALA B 73 -5.50 -4.03 -21.44
N LEU B 74 -5.39 -3.64 -20.15
CA LEU B 74 -4.43 -4.36 -19.31
C LEU B 74 -5.00 -5.73 -19.02
N HIS B 75 -6.30 -5.83 -18.78
CA HIS B 75 -6.84 -7.17 -18.57
C HIS B 75 -6.63 -8.14 -19.73
N GLU B 76 -6.72 -7.59 -20.95
CA GLU B 76 -6.51 -8.41 -22.14
C GLU B 76 -5.10 -8.99 -22.20
N GLU B 77 -4.14 -8.11 -21.96
CA GLU B 77 -2.72 -8.39 -21.93
C GLU B 77 -2.37 -9.47 -20.93
N TRP B 78 -3.08 -9.52 -19.79
CA TRP B 78 -2.67 -10.57 -18.85
C TRP B 78 -3.57 -11.79 -19.01
N ALA B 79 -4.65 -11.62 -19.78
CA ALA B 79 -5.60 -12.70 -19.92
C ALA B 79 -4.98 -13.97 -20.45
N ARG B 80 -3.82 -13.92 -21.12
CA ARG B 80 -3.34 -15.25 -21.50
C ARG B 80 -2.55 -15.89 -20.37
N ALA B 81 -1.90 -15.05 -19.55
CA ALA B 81 -0.99 -15.51 -18.52
C ALA B 81 -1.68 -15.81 -17.21
N VAL B 82 -2.87 -15.23 -17.00
CA VAL B 82 -3.49 -15.48 -15.71
C VAL B 82 -4.93 -15.93 -15.87
N SER B 83 -5.24 -16.88 -14.98
CA SER B 83 -6.56 -17.48 -14.95
C SER B 83 -7.60 -16.42 -14.61
N THR B 84 -8.75 -16.53 -15.27
CA THR B 84 -9.93 -15.72 -15.01
C THR B 84 -10.94 -16.47 -14.15
N ASP B 85 -10.56 -17.62 -13.60
CA ASP B 85 -11.42 -18.26 -12.63
C ASP B 85 -11.04 -17.79 -11.23
N TYR B 86 -11.55 -16.63 -10.87
CA TYR B 86 -11.22 -15.96 -9.62
C TYR B 86 -11.53 -16.92 -8.47
N ALA B 87 -12.68 -17.58 -8.63
CA ALA B 87 -13.11 -18.51 -7.58
C ALA B 87 -12.08 -19.60 -7.40
N ASP B 88 -11.26 -19.92 -8.39
CA ASP B 88 -10.37 -21.06 -8.14
C ASP B 88 -9.18 -20.72 -7.26
N THR B 89 -9.27 -20.97 -5.96
CA THR B 89 -8.20 -20.58 -5.03
C THR B 89 -6.93 -21.39 -5.16
N SER B 90 -6.90 -22.31 -6.13
CA SER B 90 -5.70 -23.10 -6.31
C SER B 90 -4.52 -22.21 -6.69
N GLY B 91 -4.82 -21.05 -7.29
CA GLY B 91 -3.74 -20.13 -7.67
C GLY B 91 -4.21 -18.75 -8.04
N PRO B 92 -3.31 -17.97 -8.59
CA PRO B 92 -3.60 -16.56 -8.83
C PRO B 92 -4.76 -16.45 -9.82
N ALA B 93 -5.40 -15.31 -9.86
CA ALA B 93 -6.49 -15.22 -10.82
C ALA B 93 -6.98 -13.80 -10.92
N MET B 94 -7.86 -13.53 -11.88
CA MET B 94 -8.31 -12.15 -11.90
C MET B 94 -9.80 -12.13 -12.27
N THR B 95 -10.39 -10.98 -12.03
CA THR B 95 -11.80 -10.71 -12.29
C THR B 95 -11.97 -10.13 -13.68
N PRO B 96 -13.21 -10.14 -14.17
CA PRO B 96 -13.52 -9.35 -15.36
C PRO B 96 -13.45 -7.88 -14.94
N VAL B 97 -13.37 -7.03 -15.94
CA VAL B 97 -13.39 -5.58 -15.88
C VAL B 97 -14.85 -5.15 -15.83
N GLY B 98 -15.21 -4.35 -14.83
CA GLY B 98 -16.58 -3.86 -14.75
C GLY B 98 -16.58 -2.62 -13.87
N GLU B 99 -17.75 -1.99 -13.74
CA GLU B 99 -17.83 -0.81 -12.90
C GLU B 99 -17.63 -1.23 -11.45
N SER B 100 -17.19 -0.29 -10.62
CA SER B 100 -17.07 -0.59 -9.20
C SER B 100 -17.12 0.74 -8.45
N PRO B 101 -17.21 0.77 -7.12
CA PRO B 101 -17.23 2.08 -6.46
C PRO B 101 -15.97 2.89 -6.73
N ALA B 102 -14.81 2.28 -7.01
CA ALA B 102 -13.58 3.02 -7.28
C ALA B 102 -13.51 3.45 -8.73
N GLY B 103 -14.36 2.84 -9.55
CA GLY B 103 -14.34 3.23 -10.96
C GLY B 103 -14.22 1.97 -11.80
N ARG B 104 -14.07 2.08 -13.12
CA ARG B 104 -13.99 0.86 -13.90
C ARG B 104 -12.70 0.14 -13.53
N GLU B 105 -12.77 -1.16 -13.29
CA GLU B 105 -11.52 -1.78 -12.82
C GLU B 105 -11.60 -3.27 -12.86
N PHE B 106 -10.49 -3.96 -12.61
CA PHE B 106 -10.51 -5.38 -12.34
C PHE B 106 -9.53 -5.64 -11.19
N ALA B 107 -9.56 -6.85 -10.65
CA ALA B 107 -8.58 -7.10 -9.59
C ALA B 107 -7.81 -8.38 -9.81
N VAL B 108 -6.58 -8.45 -9.32
CA VAL B 108 -5.81 -9.67 -9.43
C VAL B 108 -5.52 -10.22 -8.05
N ARG B 109 -5.61 -11.50 -7.82
CA ARG B 109 -5.15 -12.09 -6.54
C ARG B 109 -3.80 -12.73 -6.87
N ASP B 110 -2.71 -12.40 -6.20
CA ASP B 110 -1.39 -12.97 -6.59
C ASP B 110 -1.18 -14.30 -5.88
N PRO B 111 -0.11 -15.06 -6.08
CA PRO B 111 0.09 -16.37 -5.41
C PRO B 111 0.14 -16.29 -3.90
N ALA B 112 0.59 -15.20 -3.35
CA ALA B 112 0.64 -15.01 -1.92
C ALA B 112 -0.74 -14.71 -1.32
N GLY B 113 -1.71 -14.21 -2.08
CA GLY B 113 -3.00 -13.92 -1.52
C GLY B 113 -3.41 -12.48 -1.56
N ASN B 114 -2.50 -11.58 -1.94
CA ASN B 114 -2.80 -10.14 -1.97
C ASN B 114 -3.83 -9.84 -3.04
N CYS B 115 -4.64 -8.81 -2.78
CA CYS B 115 -5.64 -8.52 -3.83
C CYS B 115 -5.29 -7.17 -4.41
N VAL B 116 -4.87 -7.04 -5.66
CA VAL B 116 -4.51 -5.72 -6.18
C VAL B 116 -5.50 -5.27 -7.24
N HIS B 117 -6.07 -4.08 -7.10
CA HIS B 117 -7.03 -3.55 -8.04
C HIS B 117 -6.36 -2.62 -9.03
N PHE B 118 -6.82 -2.75 -10.27
CA PHE B 118 -6.29 -2.00 -11.39
C PHE B 118 -7.47 -1.16 -11.90
N THR B 119 -7.47 0.12 -11.57
CA THR B 119 -8.54 1.07 -11.77
C THR B 119 -8.21 2.11 -12.83
N ALA B 120 -9.20 2.48 -13.64
CA ALA B 120 -8.92 3.51 -14.65
C ALA B 120 -8.57 4.83 -14.00
N GLY B 121 -7.49 5.47 -14.42
CA GLY B 121 -7.03 6.70 -13.79
C GLY B 121 -7.30 7.96 -14.57
N GLU B 122 -6.45 8.98 -14.42
CA GLU B 122 -6.67 10.22 -15.17
C GLU B 122 -5.35 10.83 -15.62
NA BLM C . 8.97 -7.94 13.05
C2 BLM C . 6.62 -7.23 12.99
C1 BLM C . 7.65 -8.35 13.06
O1 BLM C . 7.38 -9.54 13.08
NC BLM C . 7.05 -6.11 10.82
C3 BLM C . 6.14 -6.99 11.55
NB BLM C . 7.22 -5.93 13.46
ND BLM C . 5.53 -7.84 7.63
C5 BLM C . 5.33 -5.78 9.05
C4 BLM C . 5.94 -6.60 7.94
O4 BLM C . 6.89 -6.00 7.32
C8 BLM C . 3.76 -2.85 11.49
C9 BLM C . 4.59 -2.33 12.65
C10 BLM C . 5.85 -2.68 12.84
NG BLM C . 6.46 -3.62 11.86
C7 BLM C . 5.65 -4.10 10.86
NE BLM C . 4.44 -3.83 10.65
C6 BLM C . 6.36 -5.11 9.98
NF BLM C . 2.48 -2.53 11.23
CA BLM C . 3.95 -1.35 13.67
C12 BLM C . 6.82 -2.28 13.80
O12 BLM C . 6.55 -1.43 14.67
NH BLM C . 8.07 -2.85 13.72
C13 BLM C . 9.07 -2.47 14.71
C30 BLM C . 9.96 -1.33 14.30
O30 BLM C . 10.72 -0.79 15.10
C14 BLM C . 9.96 -3.70 15.07
C27 BLM C . 10.51 -4.36 13.84
OH1 BLM C . 9.12 -4.59 15.78
NJ BLM C . 9.73 -4.83 12.88
C28 BLM C . 11.85 -4.56 13.56
C29 BLM C . 10.59 -5.29 11.99
NI BLM C . 11.84 -5.09 12.36
NK BLM C . 9.94 -0.94 13.02
C34 BLM C . 12.27 -1.91 11.50
C36 BLM C . 12.78 -2.38 10.14
O36 BLM C . 13.82 -1.89 9.68
OH2 BLM C . 12.22 0.33 10.60
C31 BLM C . 10.88 0.05 12.53
CB BLM C . 10.31 1.40 12.13
C33 BLM C . 11.44 -0.63 11.25
CC BLM C . 13.43 -1.66 12.45
NL BLM C . 11.99 -3.23 9.54
C37 BLM C . 12.06 -3.76 8.20
C40 BLM C . 12.08 -2.68 7.13
O40 BLM C . 11.30 -1.72 7.18
C38 BLM C . 10.85 -4.69 8.01
OH3 BLM C . 11.09 -5.69 9.00
CD BLM C . 10.79 -5.29 6.62
NM BLM C . 13.01 -2.80 6.16
C42 BLM C . 13.64 -2.29 3.86
C49 BLM C . 17.63 -0.51 -3.20
O49 BLM C . 18.61 -1.08 -3.67
C43 BLM C . 13.84 -1.41 2.71
C41 BLM C . 13.22 -1.74 5.19
S43 BLM C . 12.84 -0.09 2.17
C44 BLM C . 13.83 0.13 0.83
C45 BLM C . 14.83 -0.82 0.85
NN BLM C . 14.87 -1.61 1.99
C47 BLM C . 17.68 -2.09 -1.26
C48 BLM C . 17.09 -1.02 -1.88
NO BLM C . 16.03 -0.47 -1.24
C46 BLM C . 15.79 -1.06 -0.15
S46 BLM C . 16.85 -2.42 0.23
NP BLM C . 16.92 0.51 -3.63
C50 BLM C . 17.13 1.24 -4.84
C51 BLM C . 16.70 2.68 -4.60
C52 BLM C . 16.02 2.76 -3.21
S53 BLM C . 14.24 2.52 -3.35
C55 BLM C . 13.47 3.95 -2.62
C54 BLM C . 13.77 1.20 -2.27
O59 BLM C . 10.27 -7.59 18.93
O58 BLM C . 7.81 -7.15 16.34
C61 BLM C . 12.40 -6.79 17.33
O61 BLM C . 13.07 -5.59 17.62
O56 BLM C . 7.11 -4.81 17.82
C60 BLM C . 10.94 -6.46 16.94
O62 BLM C . 10.77 -5.09 17.32
C63 BLM C . 9.41 -4.59 17.20
C57 BLM C . 8.39 -5.42 17.99
C58 BLM C . 8.44 -6.93 17.58
C59 BLM C . 9.90 -7.41 17.56
C69 BLM C . 5.00 -3.88 18.62
C68 BLM C . 4.78 -2.64 17.71
C67 BLM C . 5.64 -1.46 18.12
C65 BLM C . 7.10 -1.84 18.45
O64 BLM C . 7.21 -2.99 19.28
C64 BLM C . 6.49 -4.18 18.93
O68 BLM C . 3.43 -2.18 17.58
O67 BLM C . 5.72 -0.55 17.05
O69 BLM C . 4.36 -3.66 19.86
NQ BLM C . 1.32 -2.37 16.64
C70 BLM C . 2.60 -2.89 16.78
O70 BLM C . 2.93 -3.91 16.21
O66 BLM C . 9.09 -1.15 19.46
C66 BLM C . 7.78 -0.70 19.20
NA BLM D . -14.37 -9.93 3.31
C2 BLM D . -12.01 -10.69 3.16
C1 BLM D . -13.19 -10.21 3.99
O1 BLM D . -13.19 -10.07 5.19
NC BLM D . -11.16 -8.54 2.31
C3 BLM D . -10.83 -9.70 3.12
NB BLM D . -12.43 -10.88 1.72
ND BLM D . -9.85 -6.16 4.71
C5 BLM D . -9.08 -7.08 2.52
C4 BLM D . -9.75 -6.01 3.38
O4 BLM D . -10.23 -4.98 2.77
C8 BLM D . -7.39 -9.91 -0.06
C9 BLM D . -8.31 -10.73 -0.96
C10 BLM D . -9.60 -10.51 -0.98
NG BLM D . -10.19 -9.44 -0.11
C7 BLM D . -9.30 -8.80 0.72
NE BLM D . -8.08 -8.95 0.77
C6 BLM D . -10.06 -7.83 1.61
NF BLM D . -6.06 -10.18 -0.09
CA BLM D . -7.61 -11.81 -1.79
C12 BLM D . -10.64 -11.12 -1.74
O12 BLM D . -10.28 -11.93 -2.61
NH BLM D . -11.96 -10.74 -1.56
C13 BLM D . -13.03 -11.36 -2.32
C30 BLM D . -13.44 -10.66 -3.57
O30 BLM D . -14.34 -11.06 -4.28
C14 BLM D . -14.31 -11.52 -1.44
C27 BLM D . -14.78 -10.24 -0.81
OH1 BLM D . -13.98 -12.52 -0.49
NJ BLM D . -13.99 -9.44 -0.12
C28 BLM D . -16.04 -9.69 -0.86
C29 BLM D . -14.73 -8.43 0.29
NI BLM D . -15.93 -8.55 -0.23
NK BLM D . -12.83 -9.52 -3.86
C34 BLM D . -14.88 -7.37 -3.45
C36 BLM D . -15.07 -5.97 -2.86
O36 BLM D . -15.89 -5.12 -3.27
OH2 BLM D . -13.86 -6.53 -5.50
C31 BLM D . -13.21 -8.71 -4.98
CB BLM D . -11.98 -8.50 -5.85
C33 BLM D . -13.63 -7.36 -4.37
CC BLM D . -16.14 -7.82 -4.16
NL BLM D . -14.31 -5.66 -1.81
C37 BLM D . -14.47 -4.39 -1.14
C40 BLM D . -14.03 -3.22 -2.04
O40 BLM D . -13.06 -3.34 -2.79
C38 BLM D . -13.59 -4.37 0.14
OH3 BLM D . -14.05 -5.45 0.95
CD BLM D . -13.68 -3.02 0.84
NM BLM D . -14.77 -2.12 -1.98
C42 BLM D . -13.66 -0.03 -1.97
C49 BLM D . -15.06 7.96 -4.19
O49 BLM D . -16.03 8.69 -3.94
C43 BLM D . -13.37 1.28 -2.57
C41 BLM D . -14.55 -0.95 -2.83
S43 BLM D . -11.90 1.68 -3.40
C44 BLM D . -12.52 3.23 -3.69
C45 BLM D . -13.80 3.34 -3.11
NN BLM D . -14.24 2.20 -2.47
C47 BLM D . -16.28 6.21 -2.97
C48 BLM D . -15.15 6.56 -3.64
NO BLM D . -14.18 5.61 -3.73
C46 BLM D . -14.55 4.53 -3.18
S46 BLM D . -16.12 4.60 -2.43
NP BLM D . -13.93 8.20 -4.84
C50 BLM D . -13.76 9.50 -5.41
C51 BLM D . -12.30 9.76 -5.66
C52 BLM D . -11.72 10.60 -4.50
S53 BLM D . -9.95 10.25 -4.40
C55 BLM D . -9.41 10.01 -6.07
C54 BLM D . -9.85 8.63 -3.68
O59 BLM D . -16.99 -15.05 1.14
O58 BLM D . -13.68 -13.83 2.22
C61 BLM D . -17.78 -12.22 1.39
O61 BLM D . -17.83 -10.97 1.97
O56 BLM D . -12.97 -14.90 0.06
C60 BLM D . -16.39 -12.78 1.16
O62 BLM D . -16.19 -13.08 -0.21
C63 BLM D . -14.93 -13.63 -0.62
C57 BLM D . -14.39 -14.81 0.20
C58 BLM D . -14.70 -14.64 1.72
C59 BLM D . -16.14 -14.14 1.85
C69 BLM D . -10.94 -16.23 -0.15
C68 BLM D . -10.09 -15.47 -1.19
C67 BLM D . -10.62 -15.64 -2.61
C65 BLM D . -12.15 -15.52 -2.73
O64 BLM D . -12.84 -16.27 -1.72
C64 BLM D . -12.45 -16.14 -0.37
O68 BLM D . -8.69 -15.79 -1.20
O67 BLM D . -10.03 -14.66 -3.43
O69 BLM D . -10.52 -17.58 -0.25
NQ BLM D . -6.51 -15.67 -0.51
C70 BLM D . -7.82 -15.34 -0.29
O70 BLM D . -8.09 -14.68 0.68
O66 BLM D . -13.88 -15.47 -4.36
C66 BLM D . -12.66 -16.10 -4.05
#